data_5CSE
#
_entry.id   5CSE
#
_cell.length_a   81.368
_cell.length_b   81.460
_cell.length_c   90.811
_cell.angle_alpha   90.00
_cell.angle_beta   90.00
_cell.angle_gamma   90.00
#
_symmetry.space_group_name_H-M   'C 2 2 21'
#
loop_
_entity.id
_entity.type
_entity.pdbx_description
1 polymer Streptavidin
2 non-polymer chloro{di-tert-butyl[2-({5-[(3aS,4S,6aR)-2-oxohexahydro-1H-thieno[3,4-d]imidazol-4-yl]pentanoyl}amino)ethyl]-lambda~5~-phosphanyl}(1-phenylprop-1-ene-1,3-diyl-kappa~2~C~1~,C~3~)palladium
3 non-polymer 'CHLORIDE ION'
4 water water
#
_entity_poly.entity_id   1
_entity_poly.type   'polypeptide(L)'
_entity_poly.pdbx_seq_one_letter_code
;MASMTGGQQMGRDEAGITGTWYNQLGSTFIVTAGADGALTGTYESAVGNAESRYVLTGRYDSAPATDGSGTALGWTVAWK
NNYRNAHSATTWSGQYVGGAEARINTQWLLTYGTTEANAWESTLVGHDTFTKVKPSAASIDAAKKAGVNNGNPLDAVQQ
;
_entity_poly.pdbx_strand_id   A,B
#
loop_
_chem_comp.id
_chem_comp.type
_chem_comp.name
_chem_comp.formula
CL non-polymer 'CHLORIDE ION' 'Cl -1'
SVP non-polymer chloro{di-tert-butyl[2-({5-[(3aS,4S,6aR)-2-oxohexahydro-1H-thieno[3,4-d]imidazol-4-yl]pentanoyl}amino)ethyl]-lambda~5~-phosphanyl}(1-phenylprop-1-ene-1,3-diyl-kappa~2~C~1~,C~3~)palladium 'C29 H46 Cl N3 O2 P Pd S'
#
# COMPACT_ATOMS: atom_id res chain seq x y z
N ASP A 13 1.92 3.64 20.16
CA ASP A 13 2.44 3.61 18.80
C ASP A 13 2.61 2.18 18.31
N GLU A 14 3.86 1.70 18.40
CA GLU A 14 4.21 0.34 18.06
C GLU A 14 3.27 -0.65 18.75
N ALA A 15 3.03 -0.43 20.05
CA ALA A 15 2.21 -1.32 20.85
C ALA A 15 0.74 -1.24 20.47
N GLY A 16 0.27 -0.01 20.25
CA GLY A 16 -1.12 0.22 19.87
C GLY A 16 -1.53 -0.48 18.59
N ILE A 17 -0.64 -0.48 17.59
CA ILE A 17 -0.96 -1.06 16.30
C ILE A 17 -0.80 -2.58 16.23
N THR A 18 0.26 -3.10 16.82
CA THR A 18 0.51 -4.54 16.81
C THR A 18 -0.64 -5.37 17.39
N GLY A 19 -0.99 -6.44 16.69
CA GLY A 19 -2.03 -7.33 17.17
C GLY A 19 -3.05 -7.62 16.10
N THR A 20 -4.20 -8.11 16.52
CA THR A 20 -5.24 -8.49 15.58
C THR A 20 -6.30 -7.40 15.44
N TRP A 21 -6.76 -7.21 14.20
CA TRP A 21 -7.81 -6.25 13.91
C TRP A 21 -8.92 -6.90 13.06
N TYR A 22 -10.15 -6.43 13.22
CA TYR A 22 -11.28 -6.93 12.45
C TYR A 22 -12.02 -5.78 11.78
N ASN A 23 -12.50 -5.97 10.54
CA ASN A 23 -13.26 -4.89 9.92
C ASN A 23 -14.75 -5.17 9.83
N GLN A 24 -15.48 -4.24 9.23
CA GLN A 24 -16.95 -4.27 9.28
C GLN A 24 -17.52 -5.41 8.44
N LEU A 25 -16.71 -6.03 7.60
CA LEU A 25 -17.15 -7.18 6.82
C LEU A 25 -16.80 -8.51 7.51
N GLY A 26 -16.06 -8.43 8.62
CA GLY A 26 -15.60 -9.63 9.30
C GLY A 26 -14.25 -10.16 8.85
N SER A 27 -13.49 -9.34 8.12
CA SER A 27 -12.14 -9.74 7.72
C SER A 27 -11.18 -9.60 8.91
N THR A 28 -10.06 -10.32 8.86
CA THR A 28 -9.11 -10.37 9.96
C THR A 28 -7.72 -9.90 9.50
N PHE A 29 -7.19 -8.95 10.24
CA PHE A 29 -5.93 -8.29 9.91
C PHE A 29 -4.98 -8.50 11.11
N ILE A 30 -3.92 -9.28 10.91
CA ILE A 30 -2.94 -9.53 11.96
C ILE A 30 -1.64 -8.86 11.57
N VAL A 31 -1.15 -7.97 12.42
CA VAL A 31 -0.02 -7.13 12.05
C VAL A 31 0.97 -6.93 13.19
N THR A 32 2.25 -6.87 12.82
CA THR A 32 3.31 -6.52 13.74
C THR A 32 3.92 -5.19 13.30
N ALA A 33 3.96 -4.22 14.19
CA ALA A 33 4.60 -2.95 13.89
C ALA A 33 6.01 -2.93 14.46
N GLY A 34 6.99 -2.62 13.60
CA GLY A 34 8.38 -2.54 14.00
C GLY A 34 8.71 -1.14 14.46
N ALA A 35 9.78 -0.99 15.26
CA ALA A 35 10.13 0.33 15.78
C ALA A 35 10.58 1.25 14.65
N ASP A 36 10.91 0.64 13.52
CA ASP A 36 11.43 1.34 12.35
C ASP A 36 10.33 1.82 11.41
N GLY A 37 9.07 1.56 11.74
CA GLY A 37 7.97 1.96 10.88
C GLY A 37 7.46 0.86 9.98
N ALA A 38 7.99 -0.36 10.17
CA ALA A 38 7.57 -1.48 9.35
C ALA A 38 6.24 -2.05 9.80
N LEU A 39 5.42 -2.48 8.84
CA LEU A 39 4.26 -3.30 9.12
C LEU A 39 4.42 -4.61 8.39
N THR A 40 4.21 -5.71 9.12
N THR A 40 4.18 -5.72 9.09
CA THR A 40 4.23 -7.04 8.51
CA THR A 40 4.23 -7.03 8.46
C THR A 40 3.16 -7.91 9.15
C THR A 40 3.28 -8.00 9.16
N GLY A 41 2.57 -8.81 8.38
CA GLY A 41 1.55 -9.67 8.94
C GLY A 41 0.76 -10.42 7.91
N THR A 42 -0.48 -10.75 8.26
CA THR A 42 -1.31 -11.50 7.34
C THR A 42 -2.72 -10.92 7.32
N TYR A 43 -3.39 -11.12 6.21
CA TYR A 43 -4.75 -10.64 6.04
C TYR A 43 -5.62 -11.80 5.61
N GLU A 44 -6.83 -11.87 6.17
CA GLU A 44 -7.79 -12.90 5.75
C GLU A 44 -9.10 -12.22 5.42
N SER A 45 -9.54 -12.34 4.17
CA SER A 45 -10.73 -11.64 3.71
C SER A 45 -12.01 -12.46 3.93
N ALA A 46 -13.06 -11.80 4.44
CA ALA A 46 -14.35 -12.43 4.58
C ALA A 46 -15.11 -12.46 3.26
N VAL A 47 -14.64 -11.68 2.29
CA VAL A 47 -15.31 -11.62 0.98
C VAL A 47 -14.36 -11.75 -0.19
N GLY A 48 -14.92 -12.03 -1.36
CA GLY A 48 -14.14 -12.05 -2.60
C GLY A 48 -13.50 -13.38 -2.90
N ASN A 49 -12.62 -13.39 -3.91
CA ASN A 49 -11.96 -14.60 -4.35
C ASN A 49 -10.74 -14.80 -3.48
N ALA A 50 -10.96 -15.25 -2.26
CA ALA A 50 -9.90 -15.30 -1.29
C ALA A 50 -10.13 -16.42 -0.28
N GLU A 51 -9.08 -17.13 0.09
CA GLU A 51 -9.21 -18.05 1.21
C GLU A 51 -7.92 -18.16 2.01
N SER A 52 -8.09 -18.36 3.30
CA SER A 52 -6.98 -18.38 4.23
C SER A 52 -6.23 -17.06 4.22
N ARG A 53 -5.01 -17.09 4.73
CA ARG A 53 -4.29 -15.85 4.94
C ARG A 53 -3.40 -15.49 3.76
N TYR A 54 -3.21 -14.19 3.58
CA TYR A 54 -2.30 -13.62 2.59
C TYR A 54 -1.26 -12.77 3.28
N VAL A 55 -0.04 -12.74 2.76
CA VAL A 55 1.00 -11.88 3.31
C VAL A 55 0.65 -10.40 3.16
N LEU A 56 0.94 -9.60 4.18
CA LEU A 56 0.86 -8.16 3.99
C LEU A 56 2.14 -7.51 4.46
N THR A 57 2.48 -6.38 3.84
N THR A 57 2.39 -6.32 3.92
CA THR A 57 3.54 -5.51 4.33
CA THR A 57 3.54 -5.54 4.32
C THR A 57 3.04 -4.09 4.20
C THR A 57 3.18 -4.08 4.09
N GLY A 58 3.62 -3.20 4.99
CA GLY A 58 3.25 -1.81 4.90
C GLY A 58 4.17 -0.95 5.72
N ARG A 59 3.74 0.28 5.96
CA ARG A 59 4.56 1.24 6.72
C ARG A 59 3.65 2.09 7.58
N TYR A 60 4.22 2.63 8.64
CA TYR A 60 3.47 3.55 9.49
C TYR A 60 4.43 4.60 10.01
N ASP A 61 3.90 5.77 10.35
CA ASP A 61 4.67 6.84 10.97
C ASP A 61 5.01 6.48 12.41
N SER A 62 6.30 6.25 12.66
CA SER A 62 6.74 5.78 13.97
C SER A 62 7.01 6.92 14.95
N ALA A 63 6.81 8.16 14.51
CA ALA A 63 6.90 9.31 15.43
C ALA A 63 5.82 10.33 15.10
N PRO A 64 4.55 9.99 15.40
CA PRO A 64 3.45 10.87 15.00
C PRO A 64 3.45 12.16 15.77
N ALA A 65 2.75 13.16 15.24
CA ALA A 65 2.55 14.41 15.96
C ALA A 65 1.93 14.13 17.32
N THR A 66 2.11 15.04 18.25
CA THR A 66 1.57 14.87 19.58
C THR A 66 0.51 15.93 19.86
N ASP A 67 -0.31 16.19 18.86
CA ASP A 67 -1.35 17.23 18.96
C ASP A 67 -2.74 16.63 18.93
N GLY A 68 -2.83 15.32 19.08
CA GLY A 68 -4.11 14.65 19.07
C GLY A 68 -4.41 13.98 17.74
N SER A 69 -3.52 14.16 16.77
CA SER A 69 -3.70 13.58 15.44
C SER A 69 -3.49 12.07 15.41
N GLY A 70 -4.13 11.43 14.45
CA GLY A 70 -3.94 10.01 14.23
C GLY A 70 -2.57 9.68 13.66
N THR A 71 -2.31 8.38 13.53
CA THR A 71 -1.04 7.89 13.03
C THR A 71 -1.18 7.33 11.62
N ALA A 72 -0.57 8.01 10.66
CA ALA A 72 -0.70 7.59 9.26
C ALA A 72 0.00 6.27 8.98
N LEU A 73 -0.62 5.44 8.14
CA LEU A 73 -0.07 4.15 7.81
C LEU A 73 -0.69 3.65 6.52
N GLY A 74 -0.14 2.57 6.00
CA GLY A 74 -0.67 1.94 4.80
C GLY A 74 -0.10 0.55 4.67
N TRP A 75 -0.81 -0.34 3.99
CA TRP A 75 -0.26 -1.66 3.72
C TRP A 75 -0.88 -2.22 2.45
N THR A 76 -0.25 -3.29 1.95
CA THR A 76 -0.65 -3.94 0.71
C THR A 76 -0.83 -5.43 0.91
N VAL A 77 -1.83 -5.99 0.23
CA VAL A 77 -1.95 -7.43 0.09
C VAL A 77 -2.05 -7.77 -1.39
N ALA A 78 -1.17 -8.67 -1.88
CA ALA A 78 -1.35 -9.25 -3.21
C ALA A 78 -2.12 -10.55 -3.01
N TRP A 79 -3.20 -10.73 -3.75
CA TRP A 79 -4.13 -11.81 -3.45
C TRP A 79 -3.69 -13.14 -4.05
N LYS A 80 -2.45 -13.48 -3.76
CA LYS A 80 -1.90 -14.79 -4.10
C LYS A 80 -1.36 -15.46 -2.85
N ASN A 81 -1.75 -16.72 -2.64
CA ASN A 81 -1.15 -17.51 -1.58
C ASN A 81 -1.03 -18.94 -2.07
N ASN A 82 -0.78 -19.89 -1.17
CA ASN A 82 -0.60 -21.28 -1.59
C ASN A 82 -1.91 -21.93 -2.06
N TYR A 83 -3.05 -21.28 -1.79
CA TYR A 83 -4.32 -21.88 -2.17
C TYR A 83 -4.85 -21.32 -3.48
N ARG A 84 -4.75 -20.01 -3.66
CA ARG A 84 -5.30 -19.42 -4.87
C ARG A 84 -4.67 -18.11 -5.25
N ASN A 85 -4.98 -17.66 -6.45
CA ASN A 85 -4.44 -16.42 -6.96
C ASN A 85 -5.57 -15.65 -7.63
N ALA A 86 -5.86 -14.44 -7.14
CA ALA A 86 -6.94 -13.67 -7.73
C ALA A 86 -6.42 -12.53 -8.61
N HIS A 87 -5.13 -12.60 -8.93
CA HIS A 87 -4.47 -11.66 -9.86
C HIS A 87 -4.87 -10.21 -9.58
N SER A 88 -4.68 -9.80 -8.32
CA SER A 88 -5.10 -8.49 -7.87
C SER A 88 -4.35 -8.12 -6.61
N ALA A 89 -4.36 -6.84 -6.28
CA ALA A 89 -3.73 -6.38 -5.06
C ALA A 89 -4.52 -5.22 -4.47
N THR A 90 -4.65 -5.20 -3.15
CA THR A 90 -5.32 -4.12 -2.46
C THR A 90 -4.34 -3.35 -1.60
N THR A 91 -4.42 -2.03 -1.65
CA THR A 91 -3.69 -1.20 -0.71
C THR A 91 -4.67 -0.47 0.19
N TRP A 92 -4.40 -0.45 1.49
CA TRP A 92 -5.17 0.31 2.46
C TRP A 92 -4.35 1.48 2.92
N SER A 93 -4.95 2.67 2.88
CA SER A 93 -4.29 3.89 3.32
C SER A 93 -5.17 4.52 4.39
N GLY A 94 -4.59 4.93 5.50
CA GLY A 94 -5.41 5.47 6.56
C GLY A 94 -4.62 5.87 7.77
N GLN A 95 -5.30 5.90 8.91
CA GLN A 95 -4.63 6.30 10.13
C GLN A 95 -5.13 5.50 11.34
N TYR A 96 -4.23 5.28 12.28
CA TYR A 96 -4.54 4.60 13.52
C TYR A 96 -4.94 5.64 14.55
N VAL A 97 -6.07 5.42 15.23
CA VAL A 97 -6.53 6.31 16.28
C VAL A 97 -6.61 5.56 17.61
N GLY A 98 -5.90 6.05 18.62
CA GLY A 98 -5.87 5.37 19.90
C GLY A 98 -7.07 5.67 20.78
N GLY A 99 -7.09 5.11 21.98
CA GLY A 99 -8.16 5.36 22.94
C GLY A 99 -8.98 4.12 23.25
N ALA A 100 -9.98 4.29 24.10
CA ALA A 100 -10.83 3.18 24.53
C ALA A 100 -11.49 2.49 23.34
N GLU A 101 -11.66 3.23 22.26
CA GLU A 101 -12.26 2.70 21.05
C GLU A 101 -11.28 2.78 19.89
N ALA A 102 -10.09 2.20 20.07
CA ALA A 102 -9.03 2.23 19.06
C ALA A 102 -9.55 1.76 17.71
N ARG A 103 -9.15 2.47 16.67
CA ARG A 103 -9.65 2.19 15.33
C ARG A 103 -8.53 2.43 14.35
N ILE A 104 -8.53 1.66 13.26
CA ILE A 104 -7.76 2.03 12.09
C ILE A 104 -8.78 2.32 11.00
N ASN A 105 -8.89 3.59 10.62
CA ASN A 105 -9.81 4.03 9.58
C ASN A 105 -9.09 4.11 8.24
N THR A 106 -9.58 3.40 7.23
CA THR A 106 -8.86 3.32 5.96
C THR A 106 -9.74 3.56 4.75
N GLN A 107 -9.09 3.91 3.64
CA GLN A 107 -9.70 3.78 2.34
C GLN A 107 -8.80 2.87 1.55
N TRP A 108 -9.35 2.14 0.59
CA TRP A 108 -8.53 1.18 -0.12
C TRP A 108 -8.74 1.22 -1.62
N LEU A 109 -7.73 0.73 -2.34
CA LEU A 109 -7.75 0.60 -3.78
C LEU A 109 -7.42 -0.86 -4.10
N LEU A 110 -8.30 -1.51 -4.85
CA LEU A 110 -8.08 -2.87 -5.32
C LEU A 110 -7.90 -2.81 -6.82
N THR A 111 -6.70 -3.14 -7.30
CA THR A 111 -6.43 -3.23 -8.74
C THR A 111 -6.29 -4.69 -9.15
N TYR A 112 -6.97 -5.09 -10.21
CA TYR A 112 -6.72 -6.42 -10.76
C TYR A 112 -6.06 -6.30 -12.12
N GLY A 113 -5.28 -7.31 -12.51
CA GLY A 113 -4.58 -7.29 -13.79
C GLY A 113 -5.59 -7.30 -14.93
N THR A 114 -5.42 -6.36 -15.87
CA THR A 114 -6.30 -6.28 -17.04
C THR A 114 -5.48 -6.08 -18.31
N THR A 115 -6.12 -6.27 -19.45
CA THR A 115 -5.52 -5.83 -20.71
C THR A 115 -5.51 -4.31 -20.70
N GLU A 116 -4.76 -3.70 -21.62
CA GLU A 116 -4.71 -2.26 -21.65
C GLU A 116 -6.08 -1.70 -22.06
N ALA A 117 -6.79 -2.44 -22.92
CA ALA A 117 -8.12 -2.03 -23.37
C ALA A 117 -9.07 -1.86 -22.19
N ASN A 118 -8.98 -2.78 -21.23
CA ASN A 118 -9.85 -2.76 -20.06
C ASN A 118 -9.24 -2.13 -18.83
N ALA A 119 -8.13 -1.39 -19.01
CA ALA A 119 -7.47 -0.72 -17.89
C ALA A 119 -8.43 0.21 -17.12
N TRP A 120 -9.37 0.81 -17.84
CA TRP A 120 -10.26 1.80 -17.24
C TRP A 120 -11.13 1.20 -16.11
N GLU A 121 -11.32 -0.12 -16.13
CA GLU A 121 -12.15 -0.78 -15.13
C GLU A 121 -11.32 -1.68 -14.20
N SER A 122 -10.03 -1.38 -14.05
CA SER A 122 -9.14 -2.25 -13.28
C SER A 122 -9.14 -1.98 -11.79
N THR A 123 -9.68 -0.86 -11.35
CA THR A 123 -9.48 -0.46 -9.94
C THR A 123 -10.77 -0.13 -9.19
N LEU A 124 -11.00 -0.82 -8.08
CA LEU A 124 -12.11 -0.56 -7.18
C LEU A 124 -11.64 0.31 -6.03
N VAL A 125 -12.56 1.09 -5.48
CA VAL A 125 -12.24 1.89 -4.30
C VAL A 125 -13.29 1.65 -3.21
N GLY A 126 -12.86 1.66 -1.96
CA GLY A 126 -13.81 1.47 -0.88
C GLY A 126 -13.21 1.93 0.43
N HIS A 127 -13.85 1.55 1.53
CA HIS A 127 -13.36 1.97 2.83
C HIS A 127 -13.58 0.88 3.86
N ASP A 128 -12.58 0.69 4.72
CA ASP A 128 -12.65 -0.28 5.79
C ASP A 128 -12.34 0.40 7.12
N THR A 129 -13.11 0.05 8.15
CA THR A 129 -12.79 0.49 9.49
C THR A 129 -12.46 -0.72 10.34
N PHE A 130 -11.28 -0.71 10.95
CA PHE A 130 -10.82 -1.83 11.77
C PHE A 130 -10.89 -1.53 13.26
N THR A 131 -11.37 -2.52 14.02
CA THR A 131 -11.52 -2.44 15.45
CA THR A 131 -11.41 -2.39 15.47
C THR A 131 -10.77 -3.61 16.10
N LYS A 132 -10.41 -3.49 17.37
CA LYS A 132 -9.80 -4.61 18.08
C LYS A 132 -10.91 -5.55 18.54
N VAL A 133 -12.14 -5.06 18.42
CA VAL A 133 -13.37 -5.78 18.76
C VAL A 133 -13.32 -6.36 20.16
N ASP B 13 7.66 -9.86 -15.02
CA ASP B 13 7.65 -10.55 -13.74
C ASP B 13 8.71 -9.98 -12.82
N GLU B 14 9.46 -10.85 -12.16
CA GLU B 14 10.46 -10.42 -11.20
C GLU B 14 11.55 -9.56 -11.86
N ALA B 15 12.01 -10.00 -13.02
CA ALA B 15 13.04 -9.26 -13.76
C ALA B 15 12.52 -7.94 -14.31
N GLY B 16 11.28 -7.95 -14.78
CA GLY B 16 10.67 -6.77 -15.36
C GLY B 16 10.48 -5.64 -14.35
N ILE B 17 10.05 -6.00 -13.14
CA ILE B 17 9.73 -5.01 -12.13
C ILE B 17 10.94 -4.43 -11.40
N THR B 18 11.94 -5.26 -11.15
CA THR B 18 13.09 -4.82 -10.39
C THR B 18 13.86 -3.70 -11.11
N GLY B 19 14.24 -2.66 -10.37
CA GLY B 19 15.03 -1.60 -10.94
C GLY B 19 14.48 -0.22 -10.66
N THR B 20 14.87 0.76 -11.48
CA THR B 20 14.52 2.15 -11.26
C THR B 20 13.37 2.61 -12.16
N TRP B 21 12.40 3.30 -11.57
CA TRP B 21 11.26 3.86 -12.30
C TRP B 21 11.10 5.37 -12.04
N TYR B 22 10.46 6.08 -12.97
CA TYR B 22 10.26 7.52 -12.85
C TYR B 22 8.80 7.86 -13.13
N ASN B 23 8.21 8.81 -12.40
CA ASN B 23 6.82 9.16 -12.68
C ASN B 23 6.67 10.49 -13.35
N GLN B 24 5.43 10.91 -13.57
CA GLN B 24 5.18 12.10 -14.38
C GLN B 24 5.50 13.40 -13.63
N LEU B 25 5.80 13.29 -12.34
CA LEU B 25 6.14 14.46 -11.54
C LEU B 25 7.66 14.58 -11.40
N GLY B 26 8.38 13.57 -11.87
CA GLY B 26 9.82 13.53 -11.70
C GLY B 26 10.28 12.79 -10.44
N SER B 27 9.39 12.02 -9.84
CA SER B 27 9.74 11.20 -8.67
C SER B 27 10.50 9.93 -9.09
N THR B 28 11.34 9.43 -8.19
CA THR B 28 12.16 8.25 -8.45
C THR B 28 11.79 7.09 -7.55
N PHE B 29 11.48 5.97 -8.17
CA PHE B 29 10.99 4.77 -7.48
C PHE B 29 12.00 3.65 -7.78
N ILE B 30 12.70 3.18 -6.76
CA ILE B 30 13.69 2.13 -6.89
C ILE B 30 13.21 0.89 -6.15
N VAL B 31 13.08 -0.24 -6.84
CA VAL B 31 12.44 -1.40 -6.22
C VAL B 31 13.10 -2.74 -6.57
N THR B 32 13.07 -3.67 -5.63
CA THR B 32 13.51 -5.04 -5.88
C THR B 32 12.32 -5.96 -5.71
N ALA B 33 12.00 -6.75 -6.73
CA ALA B 33 10.89 -7.69 -6.61
C ALA B 33 11.42 -9.07 -6.27
N GLY B 34 10.89 -9.65 -5.19
CA GLY B 34 11.32 -10.95 -4.74
C GLY B 34 10.54 -12.04 -5.43
N ALA B 35 11.08 -13.27 -5.38
CA ALA B 35 10.45 -14.41 -6.02
C ALA B 35 9.14 -14.77 -5.33
N ASP B 36 9.03 -14.35 -4.07
CA ASP B 36 7.88 -14.67 -3.22
C ASP B 36 6.71 -13.70 -3.38
N GLY B 37 6.97 -12.57 -4.04
CA GLY B 37 5.93 -11.57 -4.23
C GLY B 37 6.20 -10.29 -3.49
N ALA B 38 7.36 -10.20 -2.85
CA ALA B 38 7.69 -9.02 -2.06
C ALA B 38 8.17 -7.88 -2.95
N LEU B 39 7.89 -6.65 -2.53
CA LEU B 39 8.50 -5.45 -3.10
C LEU B 39 9.22 -4.71 -1.98
N THR B 40 10.46 -4.32 -2.23
CA THR B 40 11.26 -3.59 -1.26
C THR B 40 12.08 -2.52 -2.00
N GLY B 41 12.20 -1.33 -1.44
CA GLY B 41 13.02 -0.34 -2.10
C GLY B 41 12.92 0.99 -1.45
N THR B 42 13.08 2.04 -2.25
CA THR B 42 13.02 3.40 -1.75
C THR B 42 12.31 4.27 -2.75
N TYR B 43 11.72 5.35 -2.24
CA TYR B 43 11.01 6.31 -3.05
C TYR B 43 11.54 7.69 -2.77
N GLU B 44 11.77 8.47 -3.84
CA GLU B 44 12.18 9.86 -3.69
C GLU B 44 11.16 10.77 -4.39
N SER B 45 10.48 11.62 -3.63
CA SER B 45 9.40 12.42 -4.20
C SER B 45 9.86 13.76 -4.73
N ALA B 46 9.43 14.10 -5.92
CA ALA B 46 9.77 15.39 -6.50
C ALA B 46 8.87 16.50 -5.97
N VAL B 47 7.86 16.16 -5.18
CA VAL B 47 6.95 17.17 -4.66
C VAL B 47 6.58 16.89 -3.23
N GLY B 48 6.05 17.92 -2.58
CA GLY B 48 5.47 17.79 -1.26
C GLY B 48 6.51 18.01 -0.18
N ASN B 49 6.13 17.67 1.04
CA ASN B 49 6.99 17.85 2.20
C ASN B 49 7.87 16.61 2.32
N ALA B 50 8.86 16.53 1.45
CA ALA B 50 9.69 15.35 1.39
C ALA B 50 11.05 15.70 0.85
N GLU B 51 12.08 15.05 1.38
CA GLU B 51 13.40 15.13 0.78
C GLU B 51 14.16 13.84 0.95
N SER B 52 14.99 13.53 -0.03
CA SER B 52 15.77 12.31 -0.06
C SER B 52 14.86 11.08 -0.12
N ARG B 53 15.44 9.92 0.18
CA ARG B 53 14.74 8.68 -0.02
C ARG B 53 13.96 8.25 1.20
N TYR B 54 12.88 7.52 0.95
CA TYR B 54 12.03 6.94 1.98
C TYR B 54 11.88 5.44 1.72
N VAL B 55 11.80 4.66 2.79
CA VAL B 55 11.62 3.21 2.64
C VAL B 55 10.27 2.94 2.00
N LEU B 56 10.23 1.99 1.07
CA LEU B 56 8.93 1.48 0.63
C LEU B 56 8.90 -0.02 0.74
N THR B 57 7.71 -0.57 0.98
N THR B 57 7.71 -0.56 0.93
CA THR B 57 7.49 -2.00 0.91
CA THR B 57 7.50 -1.99 0.90
C THR B 57 6.15 -2.26 0.25
C THR B 57 6.14 -2.27 0.29
N GLY B 58 6.00 -3.43 -0.36
CA GLY B 58 4.73 -3.76 -0.96
C GLY B 58 4.73 -5.18 -1.46
N ARG B 59 3.77 -5.47 -2.32
CA ARG B 59 3.54 -6.83 -2.83
C ARG B 59 3.16 -6.79 -4.31
N TYR B 60 3.50 -7.85 -5.05
CA TYR B 60 3.03 -7.98 -6.42
C TYR B 60 2.65 -9.44 -6.67
N ASP B 61 1.80 -9.66 -7.67
CA ASP B 61 1.39 -10.98 -8.09
C ASP B 61 2.57 -11.66 -8.81
N SER B 62 3.14 -12.67 -8.16
CA SER B 62 4.33 -13.33 -8.72
C SER B 62 3.98 -14.42 -9.73
N ALA B 63 2.69 -14.70 -9.93
CA ALA B 63 2.28 -15.64 -10.96
C ALA B 63 1.07 -15.12 -11.73
N PRO B 64 1.28 -14.07 -12.53
CA PRO B 64 0.14 -13.45 -13.22
C PRO B 64 -0.44 -14.36 -14.28
N ALA B 65 -1.60 -13.97 -14.79
CA ALA B 65 -2.20 -14.71 -15.88
C ALA B 65 -1.31 -14.56 -17.09
N THR B 66 -1.42 -15.47 -18.05
CA THR B 66 -0.67 -15.35 -19.28
C THR B 66 -1.65 -15.13 -20.41
N ASP B 67 -2.44 -14.06 -20.32
CA ASP B 67 -3.44 -13.75 -21.32
C ASP B 67 -3.32 -12.32 -21.83
N GLY B 68 -2.19 -11.68 -21.56
CA GLY B 68 -1.96 -10.31 -21.98
C GLY B 68 -2.30 -9.30 -20.90
N SER B 69 -2.83 -9.79 -19.77
CA SER B 69 -3.18 -8.95 -18.62
C SER B 69 -1.97 -8.43 -17.86
N GLY B 70 -2.11 -7.27 -17.24
CA GLY B 70 -1.04 -6.71 -16.46
C GLY B 70 -0.82 -7.45 -15.15
N THR B 71 0.19 -7.03 -14.43
CA THR B 71 0.54 -7.66 -13.16
C THR B 71 0.19 -6.77 -11.97
N ALA B 72 -0.79 -7.20 -11.16
CA ALA B 72 -1.22 -6.35 -10.05
C ALA B 72 -0.14 -6.20 -8.97
N LEU B 73 -0.06 -5.01 -8.40
CA LEU B 73 0.93 -4.74 -7.38
C LEU B 73 0.50 -3.55 -6.53
N GLY B 74 1.16 -3.37 -5.39
CA GLY B 74 0.94 -2.16 -4.59
C GLY B 74 2.12 -1.94 -3.68
N TRP B 75 2.29 -0.71 -3.19
CA TRP B 75 3.34 -0.49 -2.20
C TRP B 75 2.96 0.72 -1.35
N THR B 76 3.66 0.86 -0.24
CA THR B 76 3.40 1.93 0.73
C THR B 76 4.68 2.68 1.05
N VAL B 77 4.56 4.00 1.19
CA VAL B 77 5.62 4.80 1.76
C VAL B 77 5.07 5.60 2.92
N ALA B 78 5.71 5.49 4.10
CA ALA B 78 5.42 6.40 5.20
C ALA B 78 6.46 7.50 5.13
N TRP B 79 6.00 8.74 5.15
CA TRP B 79 6.86 9.86 4.78
C TRP B 79 7.69 10.36 5.95
N LYS B 80 8.34 9.41 6.62
CA LYS B 80 9.34 9.70 7.64
C LYS B 80 10.66 9.07 7.21
N ASN B 81 11.73 9.86 7.24
CA ASN B 81 13.08 9.31 7.10
C ASN B 81 13.99 10.02 8.10
N ASN B 82 15.30 9.93 7.92
CA ASN B 82 16.21 10.54 8.90
C ASN B 82 16.25 12.06 8.81
N TYR B 83 15.60 12.62 7.78
CA TYR B 83 15.63 14.06 7.58
C TYR B 83 14.33 14.74 7.95
N ARG B 84 13.21 14.14 7.57
CA ARG B 84 11.90 14.79 7.71
C ARG B 84 10.82 13.81 8.11
N ASN B 85 9.74 14.33 8.68
CA ASN B 85 8.55 13.53 8.91
C ASN B 85 7.30 14.34 8.57
N ALA B 86 6.58 13.92 7.54
CA ALA B 86 5.40 14.66 7.11
C ALA B 86 4.09 14.05 7.65
N HIS B 87 4.22 13.14 8.62
CA HIS B 87 3.07 12.53 9.29
C HIS B 87 1.98 12.08 8.31
N SER B 88 2.37 11.26 7.36
CA SER B 88 1.49 10.86 6.28
C SER B 88 2.06 9.64 5.60
N ALA B 89 1.21 8.95 4.84
CA ALA B 89 1.63 7.78 4.12
C ALA B 89 0.84 7.65 2.83
N THR B 90 1.52 7.21 1.77
CA THR B 90 0.89 7.03 0.49
C THR B 90 0.93 5.56 0.12
N THR B 91 -0.19 5.05 -0.41
CA THR B 91 -0.19 3.73 -1.01
C THR B 91 -0.48 3.84 -2.49
N TRP B 92 0.32 3.16 -3.31
CA TRP B 92 0.09 3.07 -4.72
C TRP B 92 -0.48 1.70 -5.05
N SER B 93 -1.54 1.68 -5.84
CA SER B 93 -2.14 0.43 -6.27
C SER B 93 -2.24 0.47 -7.80
N GLY B 94 -1.75 -0.55 -8.48
CA GLY B 94 -1.87 -0.54 -9.93
C GLY B 94 -1.40 -1.82 -10.56
N GLN B 95 -0.88 -1.72 -11.76
CA GLN B 95 -0.41 -2.93 -12.42
C GLN B 95 0.80 -2.64 -13.29
N TYR B 96 1.71 -3.61 -13.35
CA TYR B 96 2.88 -3.54 -14.23
C TYR B 96 2.51 -4.07 -15.60
N VAL B 97 2.92 -3.36 -16.64
CA VAL B 97 2.65 -3.81 -17.99
C VAL B 97 3.98 -3.95 -18.72
N GLY B 98 4.29 -5.16 -19.18
CA GLY B 98 5.56 -5.44 -19.83
C GLY B 98 5.65 -4.93 -21.25
N GLY B 99 6.40 -5.63 -22.10
CA GLY B 99 6.53 -5.22 -23.49
C GLY B 99 7.48 -4.05 -23.68
N ALA B 100 7.52 -3.55 -24.92
CA ALA B 100 8.53 -2.57 -25.35
C ALA B 100 8.54 -1.31 -24.51
N GLU B 101 7.35 -0.82 -24.17
CA GLU B 101 7.21 0.43 -23.45
C GLU B 101 6.72 0.17 -22.03
N ALA B 102 7.50 -0.57 -21.24
CA ALA B 102 7.05 -1.00 -19.91
C ALA B 102 6.62 0.15 -19.02
N ARG B 103 5.52 -0.06 -18.31
CA ARG B 103 4.94 0.95 -17.45
C ARG B 103 4.42 0.33 -16.18
N ILE B 104 4.34 1.14 -15.13
CA ILE B 104 3.52 0.74 -13.99
C ILE B 104 2.49 1.83 -13.86
N ASN B 105 1.22 1.50 -14.13
CA ASN B 105 0.12 2.44 -13.99
C ASN B 105 -0.54 2.33 -12.64
N THR B 106 -0.61 3.42 -11.90
CA THR B 106 -1.11 3.37 -10.52
C THR B 106 -2.12 4.45 -10.21
N GLN B 107 -2.97 4.17 -9.24
CA GLN B 107 -3.69 5.24 -8.54
C GLN B 107 -3.21 5.22 -7.10
N TRP B 108 -3.23 6.36 -6.42
CA TRP B 108 -2.69 6.37 -5.06
C TRP B 108 -3.61 7.07 -4.09
N LEU B 109 -3.43 6.74 -2.80
CA LEU B 109 -4.11 7.36 -1.68
C LEU B 109 -3.07 7.88 -0.70
N LEU B 110 -3.14 9.18 -0.39
CA LEU B 110 -2.24 9.76 0.59
C LEU B 110 -3.08 10.15 1.80
N THR B 111 -2.80 9.51 2.95
CA THR B 111 -3.49 9.89 4.17
C THR B 111 -2.52 10.58 5.12
N TYR B 112 -2.96 11.68 5.73
CA TYR B 112 -2.14 12.28 6.76
C TYR B 112 -2.85 12.21 8.09
N GLY B 113 -2.09 12.17 9.17
CA GLY B 113 -2.66 12.16 10.52
C GLY B 113 -3.49 13.41 10.77
N THR B 114 -4.75 13.21 11.19
CA THR B 114 -5.61 14.32 11.55
C THR B 114 -6.27 14.07 12.89
N THR B 115 -6.85 15.12 13.47
CA THR B 115 -7.76 14.94 14.58
C THR B 115 -9.02 14.24 14.09
N GLU B 116 -9.84 13.76 15.01
CA GLU B 116 -11.04 13.03 14.61
C GLU B 116 -12.01 13.98 13.90
N ALA B 117 -12.13 15.20 14.40
CA ALA B 117 -12.97 16.21 13.80
C ALA B 117 -12.57 16.53 12.35
N ASN B 118 -11.29 16.32 12.02
CA ASN B 118 -10.80 16.63 10.68
C ASN B 118 -10.55 15.42 9.79
N ALA B 119 -10.99 14.23 10.24
CA ALA B 119 -10.75 13.01 9.49
C ALA B 119 -11.33 13.05 8.08
N TRP B 120 -12.47 13.73 7.92
CA TRP B 120 -13.12 13.79 6.62
C TRP B 120 -12.20 14.36 5.52
N GLU B 121 -11.23 15.18 5.91
CA GLU B 121 -10.31 15.76 4.93
C GLU B 121 -8.89 15.18 4.99
N SER B 122 -8.77 13.95 5.48
CA SER B 122 -7.46 13.32 5.73
C SER B 122 -6.79 12.65 4.52
N THR B 123 -7.54 12.45 3.43
CA THR B 123 -7.02 11.58 2.36
C THR B 123 -7.12 12.17 0.95
N LEU B 124 -5.97 12.28 0.28
CA LEU B 124 -5.90 12.71 -1.11
C LEU B 124 -5.86 11.51 -2.04
N VAL B 125 -6.36 11.66 -3.26
CA VAL B 125 -6.31 10.59 -4.25
C VAL B 125 -5.75 11.14 -5.56
N GLY B 126 -4.97 10.34 -6.28
CA GLY B 126 -4.38 10.79 -7.52
C GLY B 126 -3.92 9.61 -8.34
N HIS B 127 -3.17 9.88 -9.39
CA HIS B 127 -2.67 8.79 -10.22
C HIS B 127 -1.25 9.11 -10.66
N ASP B 128 -0.41 8.08 -10.64
CA ASP B 128 0.98 8.20 -11.10
C ASP B 128 1.23 7.15 -12.17
N THR B 129 1.93 7.54 -13.22
N THR B 129 1.91 7.54 -13.24
CA THR B 129 2.35 6.57 -14.22
CA THR B 129 2.35 6.56 -14.20
C THR B 129 3.87 6.49 -14.23
C THR B 129 3.88 6.51 -14.17
N PHE B 130 4.42 5.30 -14.05
CA PHE B 130 5.86 5.12 -13.99
C PHE B 130 6.40 4.45 -15.24
N THR B 131 7.50 4.97 -15.75
CA THR B 131 8.21 4.33 -16.84
C THR B 131 9.68 4.16 -16.48
N LYS B 132 10.39 3.40 -17.32
CA LYS B 132 11.81 3.12 -17.10
C LYS B 132 12.75 4.24 -17.56
N VAL B 133 12.30 5.09 -18.47
CA VAL B 133 13.17 6.16 -18.97
C VAL B 133 12.84 7.46 -18.26
N LYS B 134 13.86 8.28 -18.07
CA LYS B 134 13.75 9.59 -17.42
C LYS B 134 12.64 10.44 -18.03
C01 SVP C . -11.41 -7.04 -0.52
C02 SVP C . -11.10 -8.55 -0.69
C03 SVP C . -10.52 -8.83 -2.11
C04 SVP C . -9.98 -10.27 -2.25
C05 SVP C . -9.38 -10.50 -3.65
C06 SVP C . -10.42 -10.67 -4.74
O07 SVP C . -11.54 -11.10 -4.54
N08 SVP C . -10.01 -10.31 -5.97
C09 SVP C . -10.88 -10.40 -7.16
C10 SVP C . -12.07 -9.42 -7.07
P11 SVP C . -13.32 -9.51 -8.39
PD SVP C . -12.45 -10.50 -10.31
CL SVP C . -12.30 -12.84 -9.91
C23 SVP C . -14.62 -10.80 -8.00
C24 SVP C . -15.22 -11.35 -9.32
C25 SVP C . -15.84 -10.30 -7.19
C26 SVP C . -14.06 -12.02 -7.24
C27 SVP C . -13.95 -7.78 -8.67
C28 SVP C . -14.47 -7.22 -7.34
C29 SVP C . -12.85 -6.80 -9.14
C30 SVP C . -15.08 -7.71 -9.73
C31 SVP C . -12.40 -6.71 0.62
N32 SVP C . -12.09 -7.45 1.84
C33 SVP C . -11.72 -6.66 2.87
O34 SVP C . -11.43 -7.05 3.98
N35 SVP C . -11.79 -5.37 2.46
C36 SVP C . -12.16 -5.23 1.05
C37 SVP C . -11.00 -4.68 0.22
S38 SVP C . -9.91 -6.08 -0.22
CL CL D . -2.72 24.61 19.19
C01 SVP E . 3.08 12.52 -3.06
C02 SVP E . 4.23 13.05 -2.18
C03 SVP E . 3.82 13.20 -0.69
C04 SVP E . 5.04 13.45 0.22
C05 SVP E . 4.59 13.64 1.69
C06 SVP E . 3.82 14.92 1.91
O07 SVP E . 3.96 15.93 1.23
N08 SVP E . 2.94 14.86 2.94
C09 SVP E . 2.06 15.95 3.38
C10 SVP E . 1.05 16.42 2.31
P11 SVP E . 0.29 18.06 2.64
PD SVP E . 0.21 18.58 4.90
CL SVP E . 0.77 20.87 5.13
C23 SVP E . 1.53 19.27 1.97
C24 SVP E . 2.75 19.39 2.93
C25 SVP E . 2.12 18.80 0.63
C26 SVP E . 0.97 20.70 1.78
C27 SVP E . -1.40 18.08 1.88
C28 SVP E . -2.18 19.29 2.47
C29 SVP E . -1.43 18.27 0.34
C30 SVP E . -2.19 16.79 2.23
C31 SVP E . 3.31 12.71 -4.57
N32 SVP E . 4.64 12.29 -5.04
C33 SVP E . 4.61 11.29 -5.96
O34 SVP E . 5.58 10.78 -6.51
N35 SVP E . 3.31 10.97 -6.15
C36 SVP E . 2.36 11.74 -5.33
C37 SVP E . 1.64 10.89 -4.27
S38 SVP E . 2.73 10.77 -2.84
CL CL F . -0.51 -5.58 -28.95
#